data_3B7O
#
_entry.id   3B7O
#
_cell.length_a   44.813
_cell.length_b   86.496
_cell.length_c   166.555
_cell.angle_alpha   90.00
_cell.angle_beta   90.00
_cell.angle_gamma   90.00
#
_symmetry.space_group_name_H-M   'C 2 2 21'
#
loop_
_entity.id
_entity.type
_entity.pdbx_description
1 polymer 'Tyrosine-protein phosphatase non-receptor type 11'
2 non-polymer D-MALATE
3 water water
#
_entity_poly.entity_id   1
_entity_poly.type   'polypeptide(L)'
_entity_poly.pdbx_seq_one_letter_code
;MHHHHHHSSGVDLGTENLYFQSMAETTDKVKQGFWEEFETLQQQECKLLYSRKEGQRQENKNKNRYKNILPFDHTRVVLH
DGDPNEPVSDYINANIIMPEFETKCNNSKPKKSYIATQGCLQNTVNDFWRMVFQENSRVIVMTTKEVERGKSKCVKYWPD
EYALKEYGVMRVRNVKESAAHDYTLRELKLSKVGQGNTERTVWQYHFRTWPDHGVPSDPGGVLDFLEEVHHKQESIMDAG
PVVVHCSAGIGRTGTFIVIDILIDIIREKGVDCDIDVPKTIQMVRSQRSGMVQTEAQYRFIYMAVQHYIETLQRRI
;
_entity_poly.pdbx_strand_id   A
#
loop_
_chem_comp.id
_chem_comp.type
_chem_comp.name
_chem_comp.formula
MLT non-polymer D-MALATE 'C4 H6 O5'
#
# COMPACT_ATOMS: atom_id res chain seq x y z
N GLY A 33 -17.93 -30.33 6.61
CA GLY A 33 -17.12 -31.57 6.83
C GLY A 33 -16.14 -31.41 7.98
N PHE A 34 -15.87 -32.48 8.72
CA PHE A 34 -14.94 -32.44 9.88
C PHE A 34 -13.53 -31.96 9.54
N TRP A 35 -12.97 -32.48 8.45
CA TRP A 35 -11.67 -32.03 7.93
C TRP A 35 -11.63 -30.52 7.76
N GLU A 36 -12.65 -30.00 7.08
CA GLU A 36 -12.79 -28.57 6.82
C GLU A 36 -12.88 -27.75 8.11
N GLU A 37 -13.79 -28.15 9.01
CA GLU A 37 -13.95 -27.39 10.26
C GLU A 37 -12.66 -27.38 11.08
N PHE A 38 -12.03 -28.54 11.24
CA PHE A 38 -10.80 -28.61 12.02
C PHE A 38 -9.62 -27.85 11.39
N GLU A 39 -9.44 -28.04 10.09
CA GLU A 39 -8.39 -27.31 9.38
C GLU A 39 -8.58 -25.82 9.52
N THR A 40 -9.82 -25.35 9.42
CA THR A 40 -10.10 -23.95 9.59
C THR A 40 -9.68 -23.42 10.98
N LEU A 41 -10.06 -24.16 12.01
CA LEU A 41 -9.60 -23.87 13.38
C LEU A 41 -8.08 -23.83 13.50
N GLN A 42 -7.41 -24.81 12.91
CA GLN A 42 -5.97 -24.90 13.02
C GLN A 42 -5.30 -23.73 12.32
N GLN A 43 -5.82 -23.34 11.17
CA GLN A 43 -5.26 -22.18 10.47
C GLN A 43 -5.35 -20.92 11.33
N GLN A 44 -6.41 -20.80 12.12
CA GLN A 44 -6.59 -19.63 12.96
C GLN A 44 -5.55 -19.51 14.07
N GLU A 45 -4.90 -20.61 14.44
CA GLU A 45 -3.88 -20.56 15.48
C GLU A 45 -2.46 -20.27 14.95
N CYS A 46 -2.28 -20.24 13.63
CA CYS A 46 -0.95 -19.95 13.05
C CYS A 46 -0.38 -18.61 13.48
N LYS A 47 -1.28 -17.64 13.64
CA LYS A 47 -0.84 -16.29 13.94
C LYS A 47 -0.21 -16.20 15.32
N LEU A 48 -0.41 -17.22 16.15
CA LEU A 48 0.31 -17.23 17.42
C LEU A 48 1.81 -17.41 17.25
N LEU A 49 2.24 -17.86 16.07
CA LEU A 49 3.69 -18.04 15.79
C LEU A 49 4.36 -16.77 15.24
N TYR A 50 3.58 -15.76 14.91
CA TYR A 50 4.14 -14.51 14.34
C TYR A 50 4.74 -13.68 15.43
N SER A 51 5.74 -12.90 15.11
CA SER A 51 6.29 -11.96 16.05
C SER A 51 6.36 -10.56 15.45
N ARG A 52 6.52 -9.58 16.33
CA ARG A 52 6.61 -8.17 15.93
C ARG A 52 7.75 -7.53 16.71
N LYS A 53 8.84 -8.27 16.85
CA LYS A 53 9.94 -7.89 17.72
C LYS A 53 10.75 -6.75 17.15
N GLU A 54 10.97 -6.79 15.84
CA GLU A 54 11.80 -5.76 15.22
C GLU A 54 11.18 -4.40 15.46
N GLY A 55 9.85 -4.29 15.32
CA GLY A 55 9.19 -3.01 15.47
C GLY A 55 9.17 -2.45 16.89
N GLN A 56 9.43 -3.31 17.87
CA GLN A 56 9.45 -2.96 19.29
C GLN A 56 10.83 -2.59 19.80
N ARG A 57 11.85 -2.74 18.96
CA ARG A 57 13.21 -2.35 19.36
C ARG A 57 13.31 -0.90 19.76
N GLN A 58 14.12 -0.61 20.78
CA GLN A 58 14.28 0.79 21.21
C GLN A 58 14.63 1.74 20.09
N GLU A 59 15.48 1.29 19.17
CA GLU A 59 15.98 2.14 18.09
C GLU A 59 14.87 2.43 17.08
N ASN A 60 13.83 1.60 17.07
CA ASN A 60 12.77 1.75 16.07
C ASN A 60 11.52 2.46 16.59
N LYS A 61 11.52 2.84 17.89
CA LYS A 61 10.34 3.45 18.50
C LYS A 61 9.86 4.66 17.73
N ASN A 62 10.80 5.49 17.27
CA ASN A 62 10.41 6.74 16.67
C ASN A 62 10.11 6.57 15.17
N LYS A 63 10.01 5.32 14.73
CA LYS A 63 9.76 5.04 13.32
C LYS A 63 8.36 4.52 13.06
N ASN A 64 7.60 4.39 14.15
CA ASN A 64 6.18 3.96 14.13
C ASN A 64 5.25 5.10 14.49
N ARG A 65 4.23 5.33 13.64
CA ARG A 65 3.26 6.35 13.94
C ARG A 65 2.39 5.98 15.16
N TYR A 66 2.06 4.69 15.25
CA TYR A 66 1.21 4.15 16.34
C TYR A 66 1.97 3.05 17.04
N LYS A 67 2.21 3.20 18.34
CA LYS A 67 3.06 2.20 19.04
C LYS A 67 2.51 0.78 18.98
N ASN A 68 1.22 0.62 18.80
CA ASN A 68 0.53 -0.66 18.80
C ASN A 68 0.33 -1.28 17.42
N ILE A 69 0.76 -0.60 16.34
CA ILE A 69 0.53 -1.10 14.97
C ILE A 69 1.92 -1.30 14.41
N LEU A 70 2.33 -2.55 14.36
CA LEU A 70 3.70 -2.95 14.03
C LEU A 70 3.69 -4.04 12.95
N PRO A 71 4.71 -4.11 12.11
CA PRO A 71 4.81 -5.14 11.09
C PRO A 71 5.19 -6.52 11.65
N PHE A 72 4.58 -7.58 11.11
CA PHE A 72 5.05 -8.95 11.40
C PHE A 72 6.51 -9.10 10.91
N ASP A 73 7.37 -9.72 11.71
CA ASP A 73 8.75 -9.95 11.34
C ASP A 73 8.91 -10.75 10.02
N HIS A 74 8.05 -11.75 9.78
CA HIS A 74 8.27 -12.68 8.68
C HIS A 74 7.93 -12.13 7.28
N THR A 75 7.20 -11.01 7.24
CA THR A 75 6.82 -10.34 5.97
C THR A 75 7.28 -8.89 5.89
N ARG A 76 7.98 -8.42 6.91
CA ARG A 76 8.40 -7.03 6.90
C ARG A 76 9.37 -6.74 5.77
N VAL A 77 9.36 -5.51 5.28
CA VAL A 77 10.34 -5.11 4.29
C VAL A 77 11.66 -4.80 5.03
N VAL A 78 12.69 -5.52 4.69
CA VAL A 78 13.98 -5.37 5.38
C VAL A 78 14.84 -4.48 4.46
N LEU A 79 15.29 -3.32 4.98
CA LEU A 79 16.11 -2.39 4.20
C LEU A 79 17.61 -2.68 4.33
N HIS A 80 18.24 -2.92 3.20
CA HIS A 80 19.66 -3.17 3.16
C HIS A 80 20.36 -1.82 2.87
N ASP A 81 21.67 -1.80 2.99
CA ASP A 81 22.43 -0.66 2.47
C ASP A 81 22.15 0.74 3.12
N GLY A 82 21.85 0.73 4.42
CA GLY A 82 21.59 2.00 5.12
C GLY A 82 22.88 2.66 5.58
N ASP A 83 22.74 3.85 6.13
CA ASP A 83 23.86 4.61 6.69
C ASP A 83 24.57 3.78 7.76
N PRO A 84 25.89 3.47 7.56
CA PRO A 84 26.58 2.63 8.53
C PRO A 84 26.75 3.29 9.93
N ASN A 85 26.53 4.60 10.02
CA ASN A 85 26.60 5.30 11.31
C ASN A 85 25.36 5.08 12.19
N GLU A 86 24.29 4.59 11.58
CA GLU A 86 23.01 4.30 12.25
C GLU A 86 23.05 2.86 12.77
N PRO A 87 22.97 2.67 14.08
CA PRO A 87 22.92 1.31 14.62
C PRO A 87 21.84 0.40 14.06
N VAL A 88 20.64 0.93 13.81
CA VAL A 88 19.60 0.12 13.15
C VAL A 88 19.08 0.91 11.98
N SER A 89 19.36 0.44 10.77
CA SER A 89 18.91 1.12 9.57
C SER A 89 18.10 0.20 8.64
N ASP A 90 17.66 -0.96 9.14
CA ASP A 90 17.05 -1.94 8.28
C ASP A 90 15.54 -1.95 8.46
N TYR A 91 15.00 -1.01 9.23
CA TYR A 91 13.59 -1.07 9.62
C TYR A 91 12.73 0.02 8.98
N ILE A 92 11.58 -0.43 8.44
CA ILE A 92 10.48 0.47 8.08
C ILE A 92 9.17 -0.25 8.44
N ASN A 93 8.19 0.53 8.84
CA ASN A 93 6.88 -0.05 9.19
C ASN A 93 6.08 -0.32 7.92
N ALA A 94 6.35 -1.49 7.36
CA ALA A 94 5.81 -1.93 6.07
C ALA A 94 5.92 -3.43 5.97
N ASN A 95 4.99 -4.03 5.24
CA ASN A 95 5.02 -5.48 4.97
C ASN A 95 4.67 -5.74 3.51
N ILE A 96 5.28 -6.76 2.92
CA ILE A 96 4.95 -7.25 1.59
C ILE A 96 3.66 -8.04 1.73
N ILE A 97 2.75 -7.83 0.82
CA ILE A 97 1.49 -8.56 0.77
C ILE A 97 1.47 -9.28 -0.61
N MET A 98 1.57 -10.59 -0.58
CA MET A 98 1.52 -11.44 -1.76
CA MET A 98 1.51 -11.42 -1.77
C MET A 98 0.17 -12.15 -1.75
N PRO A 99 -0.66 -11.95 -2.79
CA PRO A 99 -1.88 -12.75 -2.85
C PRO A 99 -1.55 -14.22 -3.07
N GLU A 100 -2.34 -15.12 -2.52
CA GLU A 100 -2.03 -16.52 -2.60
C GLU A 100 -3.32 -17.29 -2.39
N LYS A 112 1.01 -10.02 -9.19
CA LYS A 112 1.14 -8.65 -8.66
C LYS A 112 1.13 -8.70 -7.13
N SER A 113 2.08 -8.03 -6.49
CA SER A 113 2.13 -7.97 -5.06
C SER A 113 2.14 -6.49 -4.60
N TYR A 114 2.05 -6.28 -3.29
CA TYR A 114 1.90 -4.96 -2.71
C TYR A 114 2.86 -4.77 -1.55
N ILE A 115 3.13 -3.53 -1.23
CA ILE A 115 3.70 -3.19 0.06
C ILE A 115 2.68 -2.32 0.76
N ALA A 116 2.25 -2.75 1.93
CA ALA A 116 1.32 -2.00 2.83
C ALA A 116 2.19 -1.29 3.84
N THR A 117 2.17 0.04 3.83
CA THR A 117 3.01 0.83 4.73
C THR A 117 2.27 2.05 5.29
N GLN A 118 2.81 2.56 6.38
CA GLN A 118 2.31 3.80 6.94
C GLN A 118 2.80 4.99 6.11
N GLY A 119 2.09 6.10 6.20
CA GLY A 119 2.54 7.37 5.65
C GLY A 119 3.83 7.77 6.35
N CYS A 120 4.72 8.43 5.64
CA CYS A 120 6.03 8.83 6.18
C CYS A 120 5.86 9.71 7.36
N LEU A 121 6.76 9.53 8.32
CA LEU A 121 7.03 10.49 9.38
C LEU A 121 8.19 11.37 8.90
N GLN A 122 8.37 12.51 9.56
CA GLN A 122 9.45 13.43 9.19
C GLN A 122 10.81 12.72 9.14
N ASN A 123 11.03 11.79 10.05
CA ASN A 123 12.24 11.00 10.14
C ASN A 123 12.30 9.69 9.34
N THR A 124 11.27 9.33 8.58
CA THR A 124 11.29 8.07 7.82
C THR A 124 11.14 8.31 6.32
N VAL A 125 11.10 9.57 5.87
CA VAL A 125 11.07 9.88 4.43
C VAL A 125 12.23 9.23 3.66
N ASN A 126 13.47 9.36 4.18
CA ASN A 126 14.61 8.74 3.50
C ASN A 126 14.48 7.23 3.44
N ASP A 127 13.99 6.63 4.54
CA ASP A 127 13.72 5.19 4.59
C ASP A 127 12.68 4.74 3.55
N PHE A 128 11.62 5.55 3.40
CA PHE A 128 10.56 5.24 2.38
C PHE A 128 11.16 5.15 0.95
N TRP A 129 11.98 6.13 0.61
CA TRP A 129 12.59 6.11 -0.75
C TRP A 129 13.63 4.97 -0.92
N ARG A 130 14.37 4.64 0.15
CA ARG A 130 15.23 3.46 0.14
C ARG A 130 14.41 2.17 -0.17
N MET A 131 13.22 2.10 0.41
CA MET A 131 12.34 0.94 0.21
C MET A 131 11.88 0.92 -1.26
N VAL A 132 11.35 2.05 -1.72
CA VAL A 132 10.86 2.09 -3.12
C VAL A 132 12.00 1.68 -4.09
N PHE A 133 13.21 2.21 -3.91
CA PHE A 133 14.35 1.87 -4.81
C PHE A 133 14.67 0.37 -4.74
N GLN A 134 14.89 -0.14 -3.53
CA GLN A 134 15.33 -1.50 -3.33
C GLN A 134 14.35 -2.52 -3.88
N GLU A 135 13.06 -2.24 -3.70
CA GLU A 135 12.02 -3.17 -4.13
C GLU A 135 11.66 -3.03 -5.58
N ASN A 136 12.26 -2.04 -6.27
CA ASN A 136 11.93 -1.74 -7.67
C ASN A 136 10.45 -1.39 -7.89
N SER A 137 9.80 -0.83 -6.87
CA SER A 137 8.44 -0.37 -7.01
C SER A 137 8.35 0.78 -8.02
N ARG A 138 7.32 0.71 -8.86
CA ARG A 138 7.13 1.74 -9.90
C ARG A 138 5.84 2.50 -9.76
N VAL A 139 5.01 2.12 -8.80
CA VAL A 139 3.70 2.73 -8.55
C VAL A 139 3.52 2.88 -7.04
N ILE A 140 3.09 4.05 -6.63
CA ILE A 140 2.73 4.34 -5.24
C ILE A 140 1.29 4.82 -5.20
N VAL A 141 0.50 4.23 -4.31
CA VAL A 141 -0.88 4.64 -4.06
C VAL A 141 -0.97 5.32 -2.69
N MET A 142 -1.22 6.63 -2.70
CA MET A 142 -1.39 7.38 -1.47
C MET A 142 -2.88 7.59 -1.28
N THR A 143 -3.44 7.06 -0.19
CA THR A 143 -4.87 7.04 -0.01
C THR A 143 -5.40 8.18 0.92
N THR A 144 -4.52 9.04 1.45
CA THR A 144 -4.87 10.11 2.39
C THR A 144 -4.40 11.47 1.89
N LYS A 145 -4.93 12.52 2.51
CA LYS A 145 -4.32 13.85 2.39
C LYS A 145 -3.13 13.84 3.36
N GLU A 146 -2.22 14.80 3.26
CA GLU A 146 -1.18 14.96 4.27
C GLU A 146 -1.73 15.20 5.67
N VAL A 147 -2.78 15.99 5.76
CA VAL A 147 -3.39 16.29 7.03
C VAL A 147 -4.92 16.13 6.89
N GLU A 148 -5.50 15.40 7.82
CA GLU A 148 -6.92 15.21 7.87
C GLU A 148 -7.34 15.43 9.33
N ARG A 149 -8.38 16.23 9.49
CA ARG A 149 -8.96 16.48 10.82
C ARG A 149 -7.92 16.89 11.89
N GLY A 150 -7.02 17.79 11.52
CA GLY A 150 -5.93 18.25 12.42
C GLY A 150 -4.84 17.23 12.75
N LYS A 151 -4.81 16.10 12.05
CA LYS A 151 -3.82 15.10 12.36
C LYS A 151 -2.92 14.92 11.12
N SER A 152 -1.62 14.77 11.35
CA SER A 152 -0.69 14.38 10.28
C SER A 152 -0.85 12.90 9.93
N LYS A 153 -1.24 12.65 8.68
CA LYS A 153 -1.36 11.30 8.13
C LYS A 153 -0.14 10.89 7.31
N CYS A 154 0.55 11.88 6.75
CA CYS A 154 1.71 11.60 5.92
C CYS A 154 2.49 12.88 5.73
N VAL A 155 3.76 12.87 6.05
CA VAL A 155 4.65 13.98 5.75
C VAL A 155 4.93 13.97 4.22
N LYS A 156 4.86 15.13 3.59
CA LYS A 156 5.15 15.23 2.15
C LYS A 156 6.54 14.70 1.82
N TYR A 157 6.58 13.73 0.96
CA TYR A 157 7.82 13.02 0.61
C TYR A 157 8.17 13.14 -0.87
N TRP A 158 7.42 13.98 -1.60
CA TRP A 158 7.71 14.24 -3.00
C TRP A 158 8.02 15.73 -3.21
N PRO A 159 8.81 16.02 -4.25
CA PRO A 159 9.07 17.39 -4.65
C PRO A 159 7.85 17.97 -5.36
N ASP A 160 7.75 19.29 -5.37
CA ASP A 160 6.74 19.92 -6.21
C ASP A 160 7.03 19.78 -7.71
N GLU A 161 6.01 20.07 -8.52
CA GLU A 161 6.10 19.84 -9.94
C GLU A 161 7.24 20.61 -10.45
N TYR A 162 8.05 19.99 -11.31
CA TYR A 162 9.24 20.60 -11.95
C TYR A 162 10.43 20.80 -11.02
N ALA A 163 10.33 20.29 -9.79
CA ALA A 163 11.42 20.45 -8.84
C ALA A 163 12.08 19.11 -8.57
N LEU A 164 13.22 19.18 -7.91
CA LEU A 164 13.86 17.98 -7.43
C LEU A 164 14.33 18.14 -6.01
N LYS A 165 14.40 17.02 -5.32
CA LYS A 165 14.82 17.00 -3.92
C LYS A 165 15.73 15.76 -3.74
N GLU A 166 16.70 15.89 -2.84
CA GLU A 166 17.49 14.74 -2.37
C GLU A 166 16.98 14.35 -0.99
N TYR A 167 16.71 13.07 -0.85
CA TYR A 167 16.26 12.48 0.38
C TYR A 167 17.32 11.48 0.79
N GLY A 168 18.27 11.92 1.60
CA GLY A 168 19.47 11.15 1.82
C GLY A 168 20.25 10.85 0.55
N VAL A 169 20.46 9.56 0.28
CA VAL A 169 21.16 9.15 -0.90
C VAL A 169 20.26 9.07 -2.14
N MET A 170 18.96 9.31 -2.00
CA MET A 170 18.00 9.18 -3.10
C MET A 170 17.66 10.55 -3.71
N ARG A 171 17.63 10.64 -5.03
CA ARG A 171 17.28 11.88 -5.72
C ARG A 171 15.91 11.65 -6.38
N VAL A 172 14.97 12.56 -6.15
CA VAL A 172 13.66 12.47 -6.79
C VAL A 172 13.36 13.76 -7.54
N ARG A 173 12.92 13.61 -8.79
CA ARG A 173 12.49 14.73 -9.66
C ARG A 173 11.00 14.56 -9.99
N ASN A 174 10.22 15.61 -9.83
CA ASN A 174 8.80 15.53 -10.18
C ASN A 174 8.68 16.18 -11.56
N VAL A 175 8.56 15.35 -12.61
CA VAL A 175 8.52 15.74 -14.01
CA VAL A 175 8.56 15.92 -13.96
C VAL A 175 7.21 16.38 -14.47
N LYS A 176 6.12 15.85 -13.95
CA LYS A 176 4.82 16.32 -14.36
C LYS A 176 3.75 15.80 -13.45
N GLU A 177 2.74 16.63 -13.21
CA GLU A 177 1.58 16.23 -12.45
C GLU A 177 0.37 16.34 -13.35
N SER A 178 -0.57 15.43 -13.20
CA SER A 178 -1.88 15.43 -13.90
C SER A 178 -3.02 15.38 -12.87
N ALA A 179 -3.92 16.35 -12.85
CA ALA A 179 -5.03 16.35 -11.88
C ALA A 179 -6.27 15.71 -12.50
N ALA A 180 -6.67 14.58 -11.95
CA ALA A 180 -7.91 13.93 -12.34
C ALA A 180 -9.00 14.38 -11.37
N HIS A 181 -10.22 13.87 -11.55
CA HIS A 181 -11.31 14.38 -10.73
C HIS A 181 -11.10 13.95 -9.28
N ASP A 182 -10.71 12.69 -9.10
CA ASP A 182 -10.64 12.09 -7.72
C ASP A 182 -9.21 11.96 -7.20
N TYR A 183 -8.23 12.15 -8.08
CA TYR A 183 -6.83 11.92 -7.74
C TYR A 183 -5.89 12.77 -8.54
N THR A 184 -4.63 12.84 -8.09
CA THR A 184 -3.55 13.48 -8.84
C THR A 184 -2.48 12.44 -9.11
N LEU A 185 -1.97 12.41 -10.33
CA LEU A 185 -0.88 11.58 -10.71
C LEU A 185 0.37 12.40 -10.76
N ARG A 186 1.42 11.97 -10.07
CA ARG A 186 2.74 12.62 -10.14
C ARG A 186 3.76 11.66 -10.79
N GLU A 187 4.36 12.09 -11.89
CA GLU A 187 5.39 11.33 -12.58
C GLU A 187 6.74 11.69 -11.94
N LEU A 188 7.26 10.78 -11.14
CA LEU A 188 8.46 10.98 -10.34
C LEU A 188 9.62 10.19 -10.98
N LYS A 189 10.85 10.73 -10.90
CA LYS A 189 12.02 10.00 -11.40
C LYS A 189 12.91 9.80 -10.19
N LEU A 190 13.19 8.56 -9.83
CA LEU A 190 13.96 8.23 -8.62
C LEU A 190 15.30 7.61 -9.02
N SER A 191 16.38 8.09 -8.37
CA SER A 191 17.72 7.59 -8.67
C SER A 191 18.57 7.70 -7.44
N LYS A 192 19.66 6.96 -7.40
CA LYS A 192 20.57 7.04 -6.29
C LYS A 192 21.63 8.08 -6.65
N VAL A 193 21.87 9.00 -5.72
CA VAL A 193 22.82 10.10 -5.95
C VAL A 193 24.18 9.53 -6.37
N GLY A 194 24.72 10.11 -7.42
CA GLY A 194 26.00 9.67 -7.99
C GLY A 194 25.87 8.49 -8.96
N GLN A 195 24.63 8.01 -9.16
CA GLN A 195 24.32 6.88 -10.07
C GLN A 195 23.11 7.19 -10.94
N GLY A 196 23.26 8.14 -11.86
CA GLY A 196 22.13 8.56 -12.68
C GLY A 196 21.50 7.43 -13.49
N ASN A 197 22.34 6.47 -13.90
CA ASN A 197 21.98 5.25 -14.61
C ASN A 197 20.94 4.40 -13.90
N THR A 198 20.78 4.61 -12.59
CA THR A 198 19.80 3.85 -11.78
C THR A 198 18.41 4.47 -11.85
N GLU A 199 18.25 5.56 -12.60
CA GLU A 199 16.99 6.29 -12.57
C GLU A 199 15.86 5.43 -13.13
N ARG A 200 14.74 5.48 -12.44
CA ARG A 200 13.51 4.84 -12.93
C ARG A 200 12.31 5.77 -12.61
N THR A 201 11.27 5.66 -13.43
CA THR A 201 10.05 6.38 -13.19
C THR A 201 9.18 5.70 -12.17
N VAL A 202 8.72 6.45 -11.20
CA VAL A 202 7.81 5.99 -10.17
C VAL A 202 6.55 6.87 -10.28
N TRP A 203 5.42 6.21 -10.47
CA TRP A 203 4.16 6.91 -10.69
C TRP A 203 3.41 6.97 -9.37
N GLN A 204 3.19 8.16 -8.87
CA GLN A 204 2.44 8.33 -7.60
C GLN A 204 1.00 8.72 -7.90
N TYR A 205 0.08 7.81 -7.56
CA TYR A 205 -1.35 8.02 -7.65
C TYR A 205 -1.91 8.47 -6.30
N HIS A 206 -2.20 9.72 -6.16
CA HIS A 206 -2.63 10.32 -4.90
C HIS A 206 -4.15 10.53 -4.91
N PHE A 207 -4.85 9.63 -4.23
CA PHE A 207 -6.31 9.67 -4.13
C PHE A 207 -6.69 10.83 -3.21
N ARG A 208 -7.49 11.77 -3.68
CA ARG A 208 -7.66 12.99 -2.86
C ARG A 208 -9.02 13.21 -2.22
N THR A 209 -10.01 12.45 -2.63
CA THR A 209 -11.38 12.72 -2.21
C THR A 209 -11.98 11.65 -1.30
N TRP A 210 -11.16 10.80 -0.68
CA TRP A 210 -11.74 9.93 0.37
C TRP A 210 -12.22 10.84 1.52
N PRO A 211 -13.45 10.58 2.03
CA PRO A 211 -14.00 11.48 3.04
C PRO A 211 -13.23 11.44 4.35
N ASP A 212 -13.29 12.57 5.07
CA ASP A 212 -12.61 12.68 6.39
C ASP A 212 -13.14 11.74 7.48
N HIS A 213 -14.43 11.38 7.37
CA HIS A 213 -15.08 10.39 8.24
C HIS A 213 -15.76 9.32 7.36
N GLY A 214 -15.67 8.07 7.78
CA GLY A 214 -16.26 6.95 7.03
C GLY A 214 -15.59 6.61 5.68
N VAL A 215 -16.39 6.08 4.76
CA VAL A 215 -15.93 5.68 3.45
C VAL A 215 -16.78 6.41 2.38
N PRO A 216 -16.33 6.38 1.13
CA PRO A 216 -17.18 6.99 0.07
C PRO A 216 -18.52 6.26 -0.03
N SER A 217 -19.60 6.98 -0.28
CA SER A 217 -20.91 6.33 -0.35
C SER A 217 -21.17 5.60 -1.67
N ASP A 218 -20.29 5.79 -2.65
CA ASP A 218 -20.30 5.05 -3.90
C ASP A 218 -18.85 4.66 -4.27
N PRO A 219 -18.63 3.47 -4.84
CA PRO A 219 -17.28 3.02 -5.14
C PRO A 219 -16.77 3.39 -6.53
N GLY A 220 -17.54 4.13 -7.33
CA GLY A 220 -17.10 4.39 -8.70
C GLY A 220 -15.76 5.09 -8.81
N GLY A 221 -15.53 6.11 -7.99
CA GLY A 221 -14.26 6.85 -8.05
C GLY A 221 -13.06 5.96 -7.72
N VAL A 222 -13.19 5.18 -6.65
CA VAL A 222 -12.13 4.25 -6.28
C VAL A 222 -11.83 3.20 -7.40
N LEU A 223 -12.88 2.64 -8.00
CA LEU A 223 -12.67 1.67 -9.05
C LEU A 223 -12.01 2.22 -10.29
N ASP A 224 -12.42 3.41 -10.69
CA ASP A 224 -11.76 4.05 -11.81
CA ASP A 224 -11.79 4.10 -11.80
C ASP A 224 -10.27 4.26 -11.54
N PHE A 225 -9.95 4.71 -10.34
CA PHE A 225 -8.59 4.95 -9.86
C PHE A 225 -7.83 3.63 -9.92
N LEU A 226 -8.42 2.58 -9.37
CA LEU A 226 -7.72 1.32 -9.31
C LEU A 226 -7.49 0.74 -10.72
N GLU A 227 -8.42 0.99 -11.64
CA GLU A 227 -8.27 0.53 -13.01
C GLU A 227 -7.02 1.22 -13.61
N GLU A 228 -6.83 2.51 -13.35
CA GLU A 228 -5.63 3.22 -13.85
C GLU A 228 -4.32 2.70 -13.28
N VAL A 229 -4.33 2.46 -11.97
CA VAL A 229 -3.16 1.91 -11.29
C VAL A 229 -2.84 0.57 -11.90
N HIS A 230 -3.88 -0.26 -12.10
CA HIS A 230 -3.67 -1.57 -12.69
C HIS A 230 -3.03 -1.51 -14.07
N HIS A 231 -3.59 -0.71 -14.95
CA HIS A 231 -3.02 -0.60 -16.32
C HIS A 231 -1.57 -0.04 -16.32
N LYS A 232 -1.28 0.90 -15.44
CA LYS A 232 0.11 1.40 -15.34
C LYS A 232 1.06 0.33 -14.87
N GLN A 233 0.74 -0.37 -13.81
CA GLN A 233 1.61 -1.43 -13.31
C GLN A 233 1.82 -2.47 -14.40
N GLU A 234 0.75 -2.89 -15.07
CA GLU A 234 0.90 -4.00 -16.06
C GLU A 234 1.70 -3.55 -17.26
N SER A 235 1.83 -2.24 -17.46
CA SER A 235 2.61 -1.67 -18.57
C SER A 235 4.12 -1.64 -18.37
N ILE A 236 4.57 -1.87 -17.14
CA ILE A 236 5.98 -1.69 -16.82
C ILE A 236 6.61 -3.03 -16.56
N MET A 237 7.51 -3.41 -17.47
CA MET A 237 8.26 -4.65 -17.32
C MET A 237 9.07 -4.68 -16.03
N ASP A 238 8.89 -5.77 -15.30
CA ASP A 238 9.65 -6.09 -14.10
C ASP A 238 9.35 -5.12 -12.97
N ALA A 239 8.21 -4.43 -13.04
CA ALA A 239 7.80 -3.57 -11.92
C ALA A 239 7.74 -4.37 -10.60
N GLY A 240 8.23 -3.80 -9.52
CA GLY A 240 8.13 -4.40 -8.19
C GLY A 240 6.73 -4.24 -7.60
N PRO A 241 6.58 -4.53 -6.30
CA PRO A 241 5.27 -4.41 -5.66
C PRO A 241 4.72 -3.00 -5.72
N VAL A 242 3.40 -2.89 -5.79
CA VAL A 242 2.74 -1.61 -5.67
C VAL A 242 2.70 -1.14 -4.18
N VAL A 243 3.26 0.03 -3.90
CA VAL A 243 3.31 0.60 -2.56
C VAL A 243 1.94 1.21 -2.32
N VAL A 244 1.34 0.91 -1.19
CA VAL A 244 0.04 1.53 -0.80
C VAL A 244 0.15 2.04 0.66
N HIS A 245 -0.30 3.26 0.94
CA HIS A 245 -0.24 3.80 2.30
C HIS A 245 -1.37 4.66 2.72
N CYS A 246 -1.57 4.62 4.02
CA CYS A 246 -2.42 5.54 4.77
C CYS A 246 -1.74 5.81 6.12
N SER A 247 -2.38 6.49 7.05
CA SER A 247 -1.59 6.90 8.21
C SER A 247 -1.01 5.74 8.97
N ALA A 248 -1.75 4.66 9.13
CA ALA A 248 -1.24 3.46 9.84
C ALA A 248 -0.86 2.32 8.92
N GLY A 249 -1.31 2.34 7.66
CA GLY A 249 -1.01 1.28 6.71
C GLY A 249 -1.84 0.03 6.88
N ILE A 250 -3.04 0.17 7.50
CA ILE A 250 -3.97 -0.99 7.69
C ILE A 250 -5.42 -0.78 7.25
N GLY A 251 -6.02 0.38 7.58
CA GLY A 251 -7.46 0.61 7.33
C GLY A 251 -7.83 0.87 5.87
N ARG A 252 -7.59 2.11 5.46
CA ARG A 252 -7.77 2.45 4.08
C ARG A 252 -6.84 1.64 3.16
N THR A 253 -5.59 1.43 3.58
CA THR A 253 -4.61 0.61 2.80
C THR A 253 -5.19 -0.79 2.53
N GLY A 254 -5.69 -1.40 3.59
CA GLY A 254 -6.26 -2.73 3.47
C GLY A 254 -7.43 -2.77 2.55
N THR A 255 -8.27 -1.75 2.63
CA THR A 255 -9.48 -1.63 1.79
C THR A 255 -9.11 -1.58 0.31
N PHE A 256 -8.18 -0.69 -0.05
CA PHE A 256 -7.66 -0.58 -1.42
C PHE A 256 -7.01 -1.86 -1.92
N ILE A 257 -6.17 -2.50 -1.10
CA ILE A 257 -5.50 -3.76 -1.49
C ILE A 257 -6.47 -4.91 -1.72
N VAL A 258 -7.39 -5.08 -0.77
CA VAL A 258 -8.37 -6.18 -0.87
C VAL A 258 -9.26 -6.01 -2.12
N ILE A 259 -9.70 -4.79 -2.39
CA ILE A 259 -10.53 -4.51 -3.59
C ILE A 259 -9.71 -4.86 -4.82
N ASP A 260 -8.47 -4.38 -4.87
CA ASP A 260 -7.61 -4.65 -6.03
C ASP A 260 -7.41 -6.16 -6.28
N ILE A 261 -7.19 -6.91 -5.22
CA ILE A 261 -7.03 -8.35 -5.33
C ILE A 261 -8.27 -9.00 -5.91
N LEU A 262 -9.45 -8.62 -5.43
CA LEU A 262 -10.71 -9.22 -5.86
C LEU A 262 -11.04 -8.85 -7.29
N ILE A 263 -10.83 -7.62 -7.69
CA ILE A 263 -11.17 -7.22 -9.06
CA ILE A 263 -11.12 -7.17 -9.05
C ILE A 263 -10.19 -7.90 -10.01
N ASP A 264 -8.96 -8.11 -9.56
CA ASP A 264 -7.99 -8.90 -10.39
C ASP A 264 -8.47 -10.31 -10.59
N ILE A 265 -9.09 -10.92 -9.60
CA ILE A 265 -9.68 -12.29 -9.76
C ILE A 265 -10.78 -12.24 -10.83
N ILE A 266 -11.63 -11.23 -10.76
CA ILE A 266 -12.71 -11.10 -11.71
C ILE A 266 -12.13 -10.89 -13.13
N ARG A 267 -11.04 -10.15 -13.25
CA ARG A 267 -10.36 -10.01 -14.54
C ARG A 267 -9.87 -11.35 -15.10
N GLU A 268 -9.37 -12.21 -14.24
CA GLU A 268 -8.81 -13.51 -14.65
C GLU A 268 -9.87 -14.58 -14.91
N LYS A 269 -10.93 -14.57 -14.09
CA LYS A 269 -11.87 -15.67 -14.00
C LYS A 269 -13.28 -15.33 -14.42
N GLY A 270 -13.56 -14.07 -14.72
CA GLY A 270 -14.88 -13.63 -15.13
C GLY A 270 -15.84 -13.34 -13.99
N VAL A 271 -16.99 -12.73 -14.33
CA VAL A 271 -17.92 -12.21 -13.32
C VAL A 271 -18.65 -13.30 -12.54
N ASP A 272 -18.59 -14.52 -13.07
CA ASP A 272 -19.19 -15.69 -12.44
C ASP A 272 -18.30 -16.39 -11.44
N CYS A 273 -17.05 -15.97 -11.32
CA CYS A 273 -16.12 -16.68 -10.46
C CYS A 273 -16.53 -16.58 -9.01
N ASP A 274 -16.07 -17.52 -8.19
CA ASP A 274 -16.37 -17.44 -6.76
C ASP A 274 -15.48 -16.38 -6.13
N ILE A 275 -16.06 -15.59 -5.24
CA ILE A 275 -15.33 -14.56 -4.51
C ILE A 275 -15.60 -14.86 -3.06
N ASP A 276 -14.60 -14.77 -2.18
CA ASP A 276 -14.81 -15.01 -0.75
C ASP A 276 -14.09 -13.87 -0.03
N VAL A 277 -14.82 -12.84 0.36
CA VAL A 277 -14.20 -11.65 0.99
C VAL A 277 -13.54 -11.99 2.31
N PRO A 278 -14.23 -12.70 3.22
CA PRO A 278 -13.53 -13.06 4.47
C PRO A 278 -12.23 -13.87 4.29
N LYS A 279 -12.20 -14.87 3.41
CA LYS A 279 -10.93 -15.60 3.22
C LYS A 279 -9.83 -14.69 2.65
N THR A 280 -10.19 -13.75 1.79
CA THR A 280 -9.17 -12.80 1.26
C THR A 280 -8.62 -11.88 2.38
N ILE A 281 -9.50 -11.39 3.25
CA ILE A 281 -9.05 -10.56 4.34
C ILE A 281 -8.15 -11.41 5.28
N GLN A 282 -8.55 -12.65 5.54
CA GLN A 282 -7.70 -13.52 6.38
C GLN A 282 -6.33 -13.70 5.73
N MET A 283 -6.28 -13.84 4.40
CA MET A 283 -4.99 -14.08 3.70
C MET A 283 -4.11 -12.83 3.79
N VAL A 284 -4.68 -11.62 3.60
CA VAL A 284 -3.87 -10.39 3.75
C VAL A 284 -3.47 -10.15 5.19
N ARG A 285 -4.33 -10.55 6.15
CA ARG A 285 -4.03 -10.33 7.59
C ARG A 285 -2.95 -11.28 8.10
N SER A 286 -2.72 -12.36 7.37
CA SER A 286 -1.59 -13.24 7.67
C SER A 286 -0.24 -12.60 7.33
N GLN A 287 -0.30 -11.47 6.62
CA GLN A 287 0.92 -10.77 6.20
C GLN A 287 1.09 -9.38 6.82
N ARG A 288 0.02 -8.74 7.24
CA ARG A 288 0.08 -7.53 8.02
C ARG A 288 -1.19 -7.48 8.88
N SER A 289 -1.06 -7.36 10.19
CA SER A 289 -2.22 -7.49 11.08
C SER A 289 -3.21 -6.33 10.89
N GLY A 290 -4.48 -6.64 10.93
CA GLY A 290 -5.49 -5.62 11.14
C GLY A 290 -5.98 -5.03 9.85
N MET A 291 -5.50 -5.50 8.73
CA MET A 291 -5.92 -4.92 7.43
CA MET A 291 -5.91 -4.89 7.46
C MET A 291 -7.46 -4.90 7.36
N VAL A 292 -8.02 -3.75 6.98
CA VAL A 292 -9.49 -3.45 6.91
C VAL A 292 -9.98 -3.27 8.33
N GLN A 293 -10.12 -2.04 8.79
CA GLN A 293 -10.34 -1.79 10.20
CA GLN A 293 -10.33 -1.72 10.20
C GLN A 293 -11.77 -1.57 10.65
N THR A 294 -12.64 -1.15 9.75
CA THR A 294 -14.04 -0.84 10.15
C THR A 294 -15.08 -1.62 9.33
N GLU A 295 -16.26 -1.77 9.92
CA GLU A 295 -17.36 -2.41 9.23
C GLU A 295 -17.77 -1.65 7.96
N ALA A 296 -17.63 -0.33 7.94
CA ALA A 296 -17.97 0.44 6.75
C ALA A 296 -16.97 0.09 5.64
N GLN A 297 -15.69 -0.02 5.99
CA GLN A 297 -14.68 -0.46 5.02
C GLN A 297 -15.03 -1.82 4.47
N TYR A 298 -15.44 -2.70 5.36
CA TYR A 298 -15.78 -4.07 4.95
C TYR A 298 -16.97 -4.09 3.94
N ARG A 299 -18.03 -3.36 4.29
CA ARG A 299 -19.18 -3.22 3.38
C ARG A 299 -18.76 -2.58 2.06
N PHE A 300 -17.87 -1.59 2.15
CA PHE A 300 -17.39 -0.88 0.91
C PHE A 300 -16.70 -1.85 -0.04
N ILE A 301 -15.96 -2.83 0.48
CA ILE A 301 -15.32 -3.85 -0.36
C ILE A 301 -16.36 -4.63 -1.15
N TYR A 302 -17.38 -5.09 -0.46
CA TYR A 302 -18.49 -5.78 -1.12
C TYR A 302 -19.14 -4.89 -2.19
N MET A 303 -19.44 -3.64 -1.84
CA MET A 303 -20.05 -2.74 -2.79
C MET A 303 -19.17 -2.54 -4.04
N ALA A 304 -17.86 -2.39 -3.82
CA ALA A 304 -16.92 -2.18 -4.90
C ALA A 304 -16.90 -3.34 -5.90
N VAL A 305 -16.81 -4.55 -5.36
CA VAL A 305 -16.79 -5.73 -6.21
C VAL A 305 -18.08 -5.84 -7.02
N GLN A 306 -19.21 -5.61 -6.40
CA GLN A 306 -20.46 -5.70 -7.12
C GLN A 306 -20.55 -4.61 -8.20
N HIS A 307 -20.08 -3.43 -7.89
CA HIS A 307 -20.10 -2.32 -8.83
C HIS A 307 -19.25 -2.62 -10.02
N TYR A 308 -18.09 -3.22 -9.79
CA TYR A 308 -17.16 -3.63 -10.84
C TYR A 308 -17.85 -4.64 -11.79
N ILE A 309 -18.46 -5.65 -11.22
CA ILE A 309 -19.19 -6.66 -11.99
C ILE A 309 -20.27 -6.02 -12.84
N GLU A 310 -21.07 -5.15 -12.23
CA GLU A 310 -22.08 -4.41 -13.01
C GLU A 310 -21.47 -3.53 -14.11
N THR A 311 -20.34 -2.85 -13.87
CA THR A 311 -19.67 -2.13 -14.96
C THR A 311 -19.36 -3.08 -16.15
N LEU A 312 -18.81 -4.26 -15.85
CA LEU A 312 -18.51 -5.23 -16.91
C LEU A 312 -19.77 -5.63 -17.68
N GLN A 313 -20.87 -5.77 -16.98
CA GLN A 313 -22.13 -6.12 -17.63
C GLN A 313 -22.66 -4.94 -18.49
N ARG A 314 -22.36 -3.70 -18.08
CA ARG A 314 -22.76 -2.50 -18.83
C ARG A 314 -21.93 -2.18 -20.07
N ARG A 315 -20.66 -2.60 -20.06
CA ARG A 315 -19.67 -2.20 -21.06
C ARG A 315 -19.68 -3.17 -22.24
C1 MLT B . -5.52 5.98 8.03
O1 MLT B . -4.80 5.27 8.79
O2 MLT B . -5.18 7.14 7.68
C2 MLT B . -6.83 5.42 7.55
O3 MLT B . -6.73 4.04 7.36
C3 MLT B . -7.95 5.83 8.50
C4 MLT B . -9.20 5.24 7.93
O4 MLT B . -9.75 5.75 6.89
O5 MLT B . -9.64 4.23 8.54
#